data_5L3V
#
_entry.id   5L3V
#
_cell.length_a   92.168
_cell.length_b   92.168
_cell.length_c   148.240
_cell.angle_alpha   90.00
_cell.angle_beta   90.00
_cell.angle_gamma   120.00
#
_symmetry.space_group_name_H-M   'P 32 2 1'
#
loop_
_entity.id
_entity.type
_entity.pdbx_description
1 polymer 'Signal recognition particle 54 kDa protein'
2 non-polymer "GUANOSINE-5'-DIPHOSPHATE"
3 non-polymer 'SULFATE ION'
4 water water
#
_entity_poly.entity_id   1
_entity_poly.type   'polypeptide(L)'
_entity_poly.pdbx_seq_one_letter_code
;HHHHHHMLENIRDAVRKFLTGSTPYEKAVDEFIKDLQKSLISSDVNVKLVFSLTAKIKERLNKEKPPSVLERKEWFISIV
YDELSKLFGGDKEPNVNPTKLPFIIMLVGVQGSGKTTTAGKLAYFYKKRGYKVGLVAADVYRPAAYDQLLQLGNQIGVQV
YGEPNNQNPIEIAKKGVDIFVKNKMDIIIVDTAGRHGYGEETKLLEEMKEMYDVLKPDDVILVIDASIGQKAYDLASRFH
QASPIGSVIITKMDGTAKGGGALSAVVATGATIKFIGTGEKIDELETFNAKRFVSRILG
;
_entity_poly.pdbx_strand_id   A,B
#
loop_
_chem_comp.id
_chem_comp.type
_chem_comp.name
_chem_comp.formula
GDP RNA linking GUANOSINE-5'-DIPHOSPHATE 'C10 H15 N5 O11 P2'
SO4 non-polymer 'SULFATE ION' 'O4 S -2'
#
# COMPACT_ATOMS: atom_id res chain seq x y z
N GLU A 9 -1.00 -15.12 -17.69
CA GLU A 9 -1.82 -15.31 -18.88
C GLU A 9 -2.78 -16.50 -18.76
N ASN A 10 -2.75 -17.18 -17.63
CA ASN A 10 -3.65 -18.31 -17.41
C ASN A 10 -5.07 -17.83 -17.18
N ILE A 11 -5.19 -16.55 -16.83
CA ILE A 11 -6.50 -15.92 -16.65
C ILE A 11 -7.18 -15.59 -17.98
N ARG A 12 -6.40 -15.47 -19.05
CA ARG A 12 -6.95 -15.18 -20.37
C ARG A 12 -8.12 -16.10 -20.68
N ASP A 13 -7.92 -17.39 -20.46
CA ASP A 13 -8.97 -18.36 -20.73
C ASP A 13 -10.02 -18.37 -19.61
N ALA A 14 -9.64 -17.90 -18.44
CA ALA A 14 -10.59 -17.74 -17.34
C ALA A 14 -11.56 -16.59 -17.61
N VAL A 15 -11.03 -15.48 -18.14
CA VAL A 15 -11.84 -14.34 -18.51
C VAL A 15 -12.80 -14.75 -19.63
N ARG A 16 -12.29 -15.52 -20.58
CA ARG A 16 -13.10 -16.07 -21.66
C ARG A 16 -14.30 -16.85 -21.11
N LYS A 17 -14.02 -17.71 -20.12
CA LYS A 17 -15.07 -18.51 -19.49
C LYS A 17 -16.13 -17.61 -18.88
N PHE A 18 -15.71 -16.53 -18.24
CA PHE A 18 -16.66 -15.63 -17.60
C PHE A 18 -17.55 -14.89 -18.61
N LEU A 19 -16.93 -14.40 -19.70
CA LEU A 19 -17.64 -13.61 -20.71
C LEU A 19 -18.63 -14.37 -21.58
N THR A 20 -18.25 -15.57 -22.00
CA THR A 20 -19.05 -16.33 -22.96
C THR A 20 -20.38 -16.75 -22.33
N GLY A 21 -20.53 -16.48 -21.04
CA GLY A 21 -21.75 -16.81 -20.31
C GLY A 21 -21.74 -18.26 -19.92
N SER A 22 -22.61 -18.60 -18.96
CA SER A 22 -22.69 -19.95 -18.41
C SER A 22 -23.64 -19.99 -17.23
N THR A 23 -23.25 -19.27 -16.19
CA THR A 23 -23.93 -19.23 -14.91
C THR A 23 -24.35 -17.81 -14.56
N PRO A 24 -25.39 -17.66 -13.73
CA PRO A 24 -25.84 -16.34 -13.28
C PRO A 24 -24.71 -15.48 -12.74
N TYR A 25 -24.80 -14.19 -13.01
CA TYR A 25 -23.79 -13.19 -12.71
C TYR A 25 -23.08 -13.37 -11.36
N GLU A 26 -23.84 -13.31 -10.26
CA GLU A 26 -23.23 -13.36 -8.93
C GLU A 26 -22.36 -14.58 -8.67
N LYS A 27 -22.80 -15.75 -9.13
CA LYS A 27 -22.02 -16.96 -8.93
C LYS A 27 -20.77 -16.93 -9.79
N ALA A 28 -20.93 -16.48 -11.04
CA ALA A 28 -19.84 -16.42 -12.01
C ALA A 28 -18.74 -15.44 -11.58
N VAL A 29 -19.17 -14.27 -11.10
CA VAL A 29 -18.28 -13.28 -10.54
C VAL A 29 -17.44 -13.83 -9.41
N ASP A 30 -18.09 -14.45 -8.43
CA ASP A 30 -17.39 -15.00 -7.27
C ASP A 30 -16.38 -16.06 -7.72
N GLU A 31 -16.75 -16.83 -8.74
CA GLU A 31 -15.84 -17.84 -9.24
C GLU A 31 -14.66 -17.20 -9.95
N PHE A 32 -14.91 -16.11 -10.66
CA PHE A 32 -13.83 -15.42 -11.36
C PHE A 32 -12.85 -14.81 -10.36
N ILE A 33 -13.40 -14.13 -9.36
CA ILE A 33 -12.63 -13.51 -8.29
C ILE A 33 -11.65 -14.47 -7.65
N LYS A 34 -12.12 -15.67 -7.33
CA LYS A 34 -11.27 -16.67 -6.70
C LYS A 34 -10.20 -17.18 -7.67
N ASP A 35 -10.56 -17.30 -8.95
CA ASP A 35 -9.61 -17.70 -9.98
C ASP A 35 -8.53 -16.63 -10.15
N LEU A 36 -8.94 -15.36 -10.10
CA LEU A 36 -8.03 -14.24 -10.23
C LEU A 36 -7.04 -14.27 -9.08
N GLN A 37 -7.56 -14.41 -7.88
CA GLN A 37 -6.73 -14.51 -6.69
C GLN A 37 -5.74 -15.66 -6.81
N LYS A 38 -6.19 -16.79 -7.33
CA LYS A 38 -5.31 -17.94 -7.45
C LYS A 38 -4.17 -17.66 -8.42
N SER A 39 -4.49 -17.01 -9.54
CA SER A 39 -3.49 -16.75 -10.58
C SER A 39 -2.45 -15.72 -10.12
N LEU A 40 -2.94 -14.64 -9.52
CA LEU A 40 -2.06 -13.59 -8.98
C LEU A 40 -1.14 -14.16 -7.91
N ILE A 41 -1.72 -14.94 -6.99
CA ILE A 41 -0.92 -15.55 -5.92
C ILE A 41 0.13 -16.50 -6.50
N SER A 42 -0.26 -17.20 -7.56
CA SER A 42 0.63 -18.11 -8.25
C SER A 42 1.74 -17.36 -8.98
N SER A 43 1.48 -16.10 -9.32
CA SER A 43 2.48 -15.28 -10.00
C SER A 43 3.40 -14.57 -9.03
N ASP A 44 3.32 -14.97 -7.76
CA ASP A 44 4.10 -14.41 -6.65
C ASP A 44 3.72 -12.98 -6.28
N VAL A 45 2.53 -12.54 -6.68
CA VAL A 45 2.04 -11.25 -6.19
C VAL A 45 1.81 -11.29 -4.67
N ASN A 46 2.28 -10.25 -3.99
CA ASN A 46 2.13 -10.17 -2.54
C ASN A 46 0.65 -10.30 -2.07
N VAL A 47 0.42 -11.22 -1.12
CA VAL A 47 -0.95 -11.49 -0.61
C VAL A 47 -1.76 -10.27 -0.21
N LYS A 48 -1.18 -9.34 0.56
CA LYS A 48 -1.86 -8.10 0.90
C LYS A 48 -2.36 -7.38 -0.36
N LEU A 49 -1.52 -7.33 -1.40
CA LEU A 49 -1.91 -6.63 -2.61
C LEU A 49 -3.07 -7.37 -3.27
N VAL A 50 -3.00 -8.70 -3.29
CA VAL A 50 -4.09 -9.47 -3.87
C VAL A 50 -5.43 -9.23 -3.13
N PHE A 51 -5.42 -9.32 -1.82
CA PHE A 51 -6.68 -9.18 -1.11
C PHE A 51 -7.19 -7.74 -1.18
N SER A 52 -6.25 -6.78 -1.13
CA SER A 52 -6.62 -5.39 -1.24
C SER A 52 -7.22 -5.10 -2.62
N LEU A 53 -6.71 -5.80 -3.63
CA LEU A 53 -7.20 -5.64 -5.00
C LEU A 53 -8.63 -6.18 -5.09
N THR A 54 -8.86 -7.36 -4.52
CA THR A 54 -10.19 -7.96 -4.51
C THR A 54 -11.23 -7.13 -3.77
N ALA A 55 -10.87 -6.65 -2.59
CA ALA A 55 -11.76 -5.80 -1.80
C ALA A 55 -12.15 -4.52 -2.52
N LYS A 56 -11.20 -3.92 -3.24
CA LYS A 56 -11.50 -2.69 -3.96
C LYS A 56 -12.41 -2.98 -5.14
N ILE A 57 -12.30 -4.19 -5.69
CA ILE A 57 -13.14 -4.62 -6.79
C ILE A 57 -14.59 -4.78 -6.32
N LYS A 58 -14.79 -5.51 -5.22
CA LYS A 58 -16.13 -5.70 -4.66
C LYS A 58 -16.71 -4.34 -4.29
N GLU A 59 -15.89 -3.52 -3.66
CA GLU A 59 -16.31 -2.18 -3.27
C GLU A 59 -16.79 -1.39 -4.49
N ARG A 60 -16.18 -1.63 -5.66
CA ARG A 60 -16.62 -0.96 -6.88
C ARG A 60 -17.87 -1.62 -7.45
N LEU A 61 -17.95 -2.94 -7.35
CA LEU A 61 -19.10 -3.69 -7.82
C LEU A 61 -20.32 -3.35 -7.00
N ASN A 62 -20.14 -3.38 -5.69
CA ASN A 62 -21.22 -3.18 -4.73
C ASN A 62 -21.62 -1.70 -4.56
N LYS A 63 -20.96 -0.81 -5.32
CA LYS A 63 -21.29 0.61 -5.27
C LYS A 63 -21.62 1.23 -6.63
N GLU A 64 -21.03 0.70 -7.70
CA GLU A 64 -21.26 1.24 -9.04
C GLU A 64 -22.18 0.35 -9.86
N LYS A 65 -23.47 0.67 -9.85
CA LYS A 65 -24.44 -0.03 -10.68
C LYS A 65 -24.19 0.26 -12.15
N PRO A 66 -24.04 -0.79 -12.97
CA PRO A 66 -23.84 -0.57 -14.39
C PRO A 66 -25.14 -0.06 -15.01
N PRO A 67 -25.04 0.86 -15.99
CA PRO A 67 -26.26 1.31 -16.66
C PRO A 67 -26.91 0.11 -17.33
N SER A 68 -28.24 0.08 -17.36
CA SER A 68 -28.97 -1.06 -17.90
C SER A 68 -28.60 -1.40 -19.33
N VAL A 69 -28.32 -0.36 -20.11
CA VAL A 69 -28.00 -0.50 -21.53
C VAL A 69 -26.68 -1.26 -21.78
N LEU A 70 -25.99 -1.66 -20.71
CA LEU A 70 -24.70 -2.36 -20.83
C LEU A 70 -24.70 -3.74 -20.16
N GLU A 71 -24.03 -4.71 -20.79
CA GLU A 71 -23.95 -6.07 -20.26
C GLU A 71 -23.18 -6.11 -18.95
N ARG A 72 -23.78 -6.71 -17.93
CA ARG A 72 -23.13 -6.82 -16.62
C ARG A 72 -21.75 -7.49 -16.70
N LYS A 73 -21.64 -8.56 -17.48
CA LYS A 73 -20.40 -9.32 -17.59
C LYS A 73 -19.28 -8.44 -18.15
N GLU A 74 -19.61 -7.64 -19.15
CA GLU A 74 -18.66 -6.77 -19.79
C GLU A 74 -18.18 -5.73 -18.78
N TRP A 75 -19.15 -5.15 -18.08
CA TRP A 75 -18.90 -4.14 -17.05
C TRP A 75 -17.98 -4.65 -15.93
N PHE A 76 -18.19 -5.88 -15.49
CA PHE A 76 -17.37 -6.43 -14.43
C PHE A 76 -15.93 -6.62 -14.89
N ILE A 77 -15.75 -7.02 -16.15
CA ILE A 77 -14.42 -7.17 -16.70
C ILE A 77 -13.70 -5.82 -16.81
N SER A 78 -14.44 -4.76 -17.15
CA SER A 78 -13.86 -3.43 -17.27
C SER A 78 -13.27 -2.97 -15.95
N ILE A 79 -14.00 -3.24 -14.88
CA ILE A 79 -13.58 -2.87 -13.54
C ILE A 79 -12.33 -3.64 -13.10
N VAL A 80 -12.32 -4.92 -13.41
CA VAL A 80 -11.16 -5.77 -13.17
C VAL A 80 -9.97 -5.21 -13.94
N TYR A 81 -10.20 -4.86 -15.20
CA TYR A 81 -9.17 -4.25 -16.04
C TYR A 81 -8.63 -2.99 -15.36
N ASP A 82 -9.54 -2.13 -14.89
CA ASP A 82 -9.13 -0.89 -14.23
C ASP A 82 -8.27 -1.17 -13.01
N GLU A 83 -8.77 -2.00 -12.11
CA GLU A 83 -8.08 -2.27 -10.85
C GLU A 83 -6.78 -3.03 -11.01
N LEU A 84 -6.73 -3.97 -11.96
CA LEU A 84 -5.48 -4.65 -12.26
C LEU A 84 -4.45 -3.65 -12.79
N SER A 85 -4.92 -2.70 -13.59
CA SER A 85 -4.04 -1.69 -14.16
C SER A 85 -3.32 -0.91 -13.05
N LYS A 86 -4.05 -0.59 -11.98
CA LYS A 86 -3.48 0.15 -10.86
C LYS A 86 -2.46 -0.68 -10.10
N LEU A 87 -2.77 -1.97 -9.94
CA LEU A 87 -1.89 -2.91 -9.27
C LEU A 87 -0.53 -2.95 -9.96
N PHE A 88 -0.55 -2.81 -11.28
CA PHE A 88 0.67 -2.95 -12.07
C PHE A 88 1.23 -1.64 -12.60
N GLY A 89 0.89 -0.50 -12.02
CA GLY A 89 1.57 0.73 -12.37
C GLY A 89 0.81 1.99 -12.68
N GLY A 90 -0.52 1.96 -12.62
CA GLY A 90 -1.27 3.18 -12.84
C GLY A 90 -1.36 3.56 -14.30
N ASP A 91 -1.85 4.77 -14.57
CA ASP A 91 -2.04 5.20 -15.94
C ASP A 91 -0.93 6.11 -16.49
N LYS A 92 -0.08 6.63 -15.59
CA LYS A 92 0.95 7.55 -16.03
C LYS A 92 2.01 6.80 -16.81
N GLU A 93 2.09 7.04 -18.11
CA GLU A 93 3.14 6.40 -18.89
C GLU A 93 4.37 7.30 -18.85
N PRO A 94 5.51 6.74 -18.42
CA PRO A 94 6.76 7.48 -18.22
C PRO A 94 7.33 8.09 -19.50
N ASN A 95 8.05 9.19 -19.29
CA ASN A 95 8.82 9.85 -20.34
C ASN A 95 10.17 9.20 -20.46
N VAL A 96 10.48 8.68 -21.65
CA VAL A 96 11.77 8.02 -21.85
C VAL A 96 12.69 8.78 -22.78
N ASN A 97 12.28 9.95 -23.22
CA ASN A 97 13.18 10.68 -24.12
C ASN A 97 14.15 11.59 -23.37
N PRO A 98 15.32 11.84 -23.97
CA PRO A 98 16.28 12.71 -23.33
C PRO A 98 15.68 14.08 -23.06
N THR A 99 16.15 14.73 -22.00
CA THR A 99 15.81 16.12 -21.73
C THR A 99 16.78 17.10 -22.39
N LYS A 100 17.93 16.59 -22.82
CA LYS A 100 18.92 17.42 -23.47
C LYS A 100 19.86 16.46 -24.14
N LEU A 101 20.67 16.96 -25.05
CA LEU A 101 21.70 16.13 -25.69
C LEU A 101 23.04 16.79 -25.36
N PRO A 102 24.06 15.99 -25.02
CA PRO A 102 24.05 14.53 -24.92
C PRO A 102 23.36 14.09 -23.63
N PHE A 103 22.91 12.85 -23.59
CA PHE A 103 22.07 12.38 -22.49
C PHE A 103 22.75 11.12 -21.97
N ILE A 104 23.14 11.14 -20.70
CA ILE A 104 23.86 10.01 -20.15
C ILE A 104 22.97 9.14 -19.29
N ILE A 105 22.93 7.87 -19.64
CA ILE A 105 22.09 6.91 -18.94
C ILE A 105 23.00 5.90 -18.26
N MET A 106 22.80 5.68 -16.97
CA MET A 106 23.63 4.73 -16.25
C MET A 106 22.79 3.51 -15.83
N LEU A 107 23.28 2.32 -16.13
CA LEU A 107 22.58 1.11 -15.77
C LEU A 107 23.26 0.45 -14.61
N VAL A 108 22.48 0.07 -13.59
CA VAL A 108 22.98 -0.68 -12.45
C VAL A 108 22.10 -1.91 -12.21
N GLY A 109 22.63 -2.90 -11.53
CA GLY A 109 21.85 -4.09 -11.21
C GLY A 109 22.79 -5.19 -10.75
N VAL A 110 22.25 -6.17 -10.03
CA VAL A 110 23.05 -7.31 -9.57
C VAL A 110 23.45 -8.18 -10.77
N GLN A 111 24.45 -9.03 -10.55
CA GLN A 111 24.95 -9.95 -11.56
C GLN A 111 23.85 -10.80 -12.13
N GLY A 112 23.72 -10.83 -13.46
CA GLY A 112 22.75 -11.75 -14.02
C GLY A 112 21.34 -11.23 -14.15
N SER A 113 21.13 -9.93 -13.89
CA SER A 113 19.78 -9.38 -14.01
C SER A 113 19.42 -9.00 -15.47
N GLY A 114 20.40 -9.06 -16.37
CA GLY A 114 20.21 -8.79 -17.78
C GLY A 114 20.66 -7.39 -18.20
N LYS A 115 21.58 -6.85 -17.42
CA LYS A 115 22.12 -5.51 -17.60
C LYS A 115 22.79 -5.28 -18.95
N THR A 116 23.69 -6.18 -19.31
CA THR A 116 24.46 -6.03 -20.54
C THR A 116 23.52 -6.12 -21.74
N THR A 117 22.64 -7.12 -21.69
CA THR A 117 21.63 -7.31 -22.74
C THR A 117 20.76 -6.06 -22.84
N THR A 118 20.34 -5.53 -21.68
CA THR A 118 19.46 -4.38 -21.63
C THR A 118 20.13 -3.11 -22.15
N ALA A 119 21.44 -2.99 -21.90
CA ALA A 119 22.22 -1.91 -22.47
C ALA A 119 22.12 -1.96 -24.00
N GLY A 120 22.30 -3.15 -24.56
CA GLY A 120 22.20 -3.34 -26.00
C GLY A 120 20.81 -2.99 -26.50
N LYS A 121 19.78 -3.47 -25.79
CA LYS A 121 18.40 -3.23 -26.20
C LYS A 121 18.06 -1.74 -26.17
N LEU A 122 18.55 -1.05 -25.15
CA LEU A 122 18.29 0.38 -25.00
C LEU A 122 18.94 1.13 -26.16
N ALA A 123 20.15 0.74 -26.51
CA ALA A 123 20.84 1.36 -27.63
C ALA A 123 19.99 1.19 -28.90
N TYR A 124 19.50 -0.01 -29.14
CA TYR A 124 18.64 -0.25 -30.29
C TYR A 124 17.38 0.62 -30.22
N PHE A 125 16.75 0.66 -29.05
CA PHE A 125 15.51 1.41 -28.88
C PHE A 125 15.72 2.85 -29.27
N TYR A 126 16.77 3.48 -28.76
CA TYR A 126 17.03 4.87 -29.09
C TYR A 126 17.52 5.09 -30.54
N LYS A 127 18.32 4.16 -31.04
CA LYS A 127 18.77 4.27 -32.43
C LYS A 127 17.56 4.27 -33.39
N LYS A 128 16.59 3.37 -33.17
CA LYS A 128 15.39 3.34 -34.02
C LYS A 128 14.59 4.64 -33.93
N ARG A 129 14.76 5.38 -32.83
CA ARG A 129 14.09 6.66 -32.69
C ARG A 129 14.88 7.83 -33.28
N GLY A 130 16.00 7.53 -33.97
CA GLY A 130 16.76 8.53 -34.70
C GLY A 130 17.93 9.14 -33.92
N TYR A 131 18.29 8.54 -32.79
CA TYR A 131 19.40 9.07 -31.99
C TYR A 131 20.72 8.41 -32.32
N LYS A 132 21.79 9.18 -32.16
CA LYS A 132 23.14 8.65 -32.21
C LYS A 132 23.53 8.15 -30.81
N VAL A 133 23.81 6.85 -30.71
CA VAL A 133 24.06 6.21 -29.42
C VAL A 133 25.48 5.66 -29.26
N GLY A 134 26.04 5.83 -28.05
CA GLY A 134 27.31 5.22 -27.73
C GLY A 134 27.13 4.32 -26.49
N LEU A 135 27.75 3.16 -26.49
CA LEU A 135 27.75 2.24 -25.36
C LEU A 135 29.10 2.26 -24.64
N VAL A 136 29.05 2.25 -23.31
CA VAL A 136 30.27 2.22 -22.48
C VAL A 136 30.28 0.99 -21.59
N ALA A 137 31.28 0.15 -21.80
CA ALA A 137 31.45 -1.08 -21.05
C ALA A 137 32.28 -0.85 -19.79
N ALA A 138 31.60 -0.58 -18.67
CA ALA A 138 32.27 -0.33 -17.40
C ALA A 138 31.96 -1.36 -16.33
N ASP A 139 31.65 -2.58 -16.76
CA ASP A 139 31.46 -3.70 -15.83
C ASP A 139 32.79 -4.42 -15.71
N VAL A 140 33.63 -4.07 -14.75
CA VAL A 140 34.94 -4.73 -14.60
C VAL A 140 34.87 -6.04 -13.79
N TYR A 141 33.73 -6.35 -13.21
CA TYR A 141 33.68 -7.53 -12.36
C TYR A 141 33.31 -8.81 -13.10
N ARG A 142 32.61 -8.72 -14.23
CA ARG A 142 32.47 -9.87 -15.11
C ARG A 142 33.28 -9.64 -16.38
N PRO A 143 34.39 -10.37 -16.54
CA PRO A 143 35.35 -10.12 -17.61
C PRO A 143 34.72 -10.16 -19.02
N ALA A 144 33.89 -11.16 -19.27
CA ALA A 144 33.37 -11.35 -20.62
C ALA A 144 32.35 -10.29 -21.04
N ALA A 145 32.02 -9.38 -20.12
CA ALA A 145 30.97 -8.39 -20.35
C ALA A 145 31.31 -7.37 -21.45
N TYR A 146 32.57 -6.95 -21.52
CA TYR A 146 33.00 -6.04 -22.57
C TYR A 146 32.75 -6.63 -23.97
N ASP A 147 33.27 -7.84 -24.20
CA ASP A 147 33.10 -8.54 -25.47
C ASP A 147 31.63 -8.78 -25.77
N GLN A 148 30.88 -9.16 -24.75
CA GLN A 148 29.46 -9.39 -24.90
C GLN A 148 28.74 -8.14 -25.42
N LEU A 149 28.99 -7.00 -24.78
CA LEU A 149 28.39 -5.74 -25.19
C LEU A 149 28.92 -5.31 -26.57
N LEU A 150 30.19 -5.60 -26.83
CA LEU A 150 30.77 -5.29 -28.15
C LEU A 150 30.01 -6.00 -29.27
N GLN A 151 29.69 -7.28 -29.07
CA GLN A 151 28.95 -8.07 -30.06
C GLN A 151 27.54 -7.49 -30.25
N LEU A 152 26.96 -7.01 -29.17
CA LEU A 152 25.65 -6.38 -29.26
C LEU A 152 25.77 -5.08 -30.07
N GLY A 153 26.75 -4.26 -29.73
CA GLY A 153 26.99 -3.05 -30.50
C GLY A 153 27.23 -3.32 -31.98
N ASN A 154 28.09 -4.30 -32.27
CA ASN A 154 28.35 -4.68 -33.66
C ASN A 154 27.08 -5.07 -34.40
N GLN A 155 26.20 -5.79 -33.71
CA GLN A 155 24.94 -6.24 -34.30
C GLN A 155 24.06 -5.07 -34.79
N ILE A 156 24.13 -3.93 -34.12
CA ILE A 156 23.26 -2.79 -34.45
C ILE A 156 24.01 -1.54 -34.94
N GLY A 157 25.32 -1.64 -35.23
CA GLY A 157 26.05 -0.50 -35.75
C GLY A 157 26.29 0.59 -34.69
N VAL A 158 26.41 0.19 -33.42
CA VAL A 158 26.66 1.14 -32.35
C VAL A 158 28.01 0.88 -31.74
N GLN A 159 28.77 1.96 -31.55
CA GLN A 159 30.12 1.83 -31.02
C GLN A 159 30.16 1.56 -29.51
N VAL A 160 31.14 0.77 -29.10
CA VAL A 160 31.29 0.40 -27.70
C VAL A 160 32.68 0.72 -27.19
N TYR A 161 32.76 1.67 -26.26
CA TYR A 161 34.00 1.97 -25.57
C TYR A 161 34.22 0.99 -24.42
N GLY A 162 35.42 0.44 -24.38
CA GLY A 162 35.80 -0.43 -23.28
C GLY A 162 37.31 -0.48 -23.09
N GLU A 163 37.74 -0.98 -21.93
CA GLU A 163 39.15 -1.18 -21.65
C GLU A 163 39.34 -2.48 -20.87
N PRO A 164 39.47 -3.60 -21.58
CA PRO A 164 39.48 -4.94 -20.97
C PRO A 164 40.51 -5.15 -19.86
N ASN A 165 41.62 -4.43 -19.89
CA ASN A 165 42.69 -4.64 -18.94
C ASN A 165 42.69 -3.61 -17.81
N ASN A 166 41.63 -2.82 -17.73
CA ASN A 166 41.53 -1.83 -16.68
C ASN A 166 40.53 -2.25 -15.60
N GLN A 167 40.95 -2.21 -14.35
CA GLN A 167 40.14 -2.70 -13.24
C GLN A 167 39.48 -1.56 -12.47
N ASN A 168 39.57 -0.34 -13.01
CA ASN A 168 38.92 0.82 -12.43
C ASN A 168 37.68 1.24 -13.22
N PRO A 169 36.48 0.82 -12.77
CA PRO A 169 35.26 1.04 -13.55
C PRO A 169 34.93 2.52 -13.72
N ILE A 170 35.29 3.32 -12.74
CA ILE A 170 35.00 4.74 -12.77
C ILE A 170 35.85 5.45 -13.83
N GLU A 171 37.11 5.07 -13.94
CA GLU A 171 38.00 5.67 -14.92
C GLU A 171 37.52 5.33 -16.34
N ILE A 172 37.18 4.06 -16.56
CA ILE A 172 36.64 3.61 -17.85
C ILE A 172 35.38 4.38 -18.21
N ALA A 173 34.41 4.43 -17.28
CA ALA A 173 33.12 5.04 -17.53
C ALA A 173 33.30 6.50 -17.88
N LYS A 174 34.14 7.18 -17.12
CA LYS A 174 34.39 8.61 -17.32
C LYS A 174 35.08 8.90 -18.68
N LYS A 175 36.06 8.06 -19.04
CA LYS A 175 36.73 8.21 -20.32
C LYS A 175 35.79 7.86 -21.46
N GLY A 176 34.98 6.81 -21.27
CA GLY A 176 34.01 6.42 -22.27
C GLY A 176 33.02 7.53 -22.54
N VAL A 177 32.48 8.11 -21.48
CA VAL A 177 31.54 9.24 -21.61
C VAL A 177 32.21 10.44 -22.29
N ASP A 178 33.40 10.82 -21.82
CA ASP A 178 34.13 11.94 -22.43
C ASP A 178 34.36 11.74 -23.92
N ILE A 179 34.78 10.54 -24.33
CA ILE A 179 35.06 10.36 -25.73
C ILE A 179 33.77 10.45 -26.59
N PHE A 180 32.65 9.95 -26.06
CA PHE A 180 31.38 10.02 -26.80
C PHE A 180 30.84 11.43 -26.81
N VAL A 181 30.99 12.14 -25.69
CA VAL A 181 30.64 13.55 -25.67
C VAL A 181 31.41 14.35 -26.73
N LYS A 182 32.73 14.21 -26.76
CA LYS A 182 33.54 14.90 -27.77
C LYS A 182 33.13 14.54 -29.19
N ASN A 183 32.75 13.28 -29.41
CA ASN A 183 32.35 12.89 -30.75
C ASN A 183 30.85 13.11 -31.01
N LYS A 184 30.22 13.90 -30.15
CA LYS A 184 28.84 14.36 -30.35
C LYS A 184 27.81 13.24 -30.36
N MET A 185 27.95 12.20 -29.55
CA MET A 185 26.82 11.26 -29.45
C MET A 185 25.61 11.98 -28.83
N ASP A 186 24.40 11.56 -29.19
CA ASP A 186 23.18 12.07 -28.57
C ASP A 186 22.92 11.39 -27.22
N ILE A 187 23.07 10.08 -27.18
CA ILE A 187 22.77 9.32 -26.00
C ILE A 187 23.93 8.38 -25.69
N ILE A 188 24.31 8.37 -24.42
CA ILE A 188 25.40 7.54 -23.94
C ILE A 188 24.94 6.63 -22.82
N ILE A 189 25.07 5.33 -23.05
CA ILE A 189 24.55 4.35 -22.12
C ILE A 189 25.69 3.60 -21.48
N VAL A 190 25.82 3.72 -20.17
CA VAL A 190 26.92 3.14 -19.43
C VAL A 190 26.48 1.90 -18.70
N ASP A 191 27.13 0.79 -19.04
CA ASP A 191 26.86 -0.47 -18.37
C ASP A 191 27.85 -0.62 -17.22
N THR A 192 27.36 -0.57 -15.99
CA THR A 192 28.24 -0.57 -14.81
C THR A 192 28.01 -1.83 -14.00
N ALA A 193 28.79 -2.02 -12.95
CA ALA A 193 28.53 -3.08 -11.99
C ALA A 193 29.18 -2.77 -10.66
N GLY A 194 28.62 -3.31 -9.59
CA GLY A 194 29.32 -3.31 -8.31
C GLY A 194 29.85 -4.71 -8.07
N ARG A 195 30.65 -4.88 -7.01
CA ARG A 195 31.16 -6.20 -6.63
C ARG A 195 30.10 -7.28 -6.34
N HIS A 196 30.40 -8.49 -6.81
CA HIS A 196 29.58 -9.68 -6.59
C HIS A 196 29.69 -10.09 -5.12
N GLY A 197 28.81 -10.99 -4.69
CA GLY A 197 29.03 -11.69 -3.43
C GLY A 197 28.19 -11.26 -2.25
N TYR A 198 28.76 -11.42 -1.05
CA TYR A 198 28.14 -10.97 0.18
C TYR A 198 27.82 -9.49 0.10
N GLY A 199 26.57 -9.16 0.44
CA GLY A 199 26.14 -7.79 0.52
C GLY A 199 26.14 -7.16 -0.86
N GLU A 200 25.98 -8.00 -1.88
CA GLU A 200 25.81 -7.51 -3.25
C GLU A 200 24.90 -6.29 -3.39
N GLU A 201 23.78 -6.22 -2.66
CA GLU A 201 22.92 -5.06 -2.84
C GLU A 201 23.49 -3.82 -2.17
N THR A 202 24.26 -4.00 -1.09
CA THR A 202 24.93 -2.88 -0.43
C THR A 202 26.10 -2.37 -1.27
N LYS A 203 26.88 -3.31 -1.78
CA LYS A 203 28.00 -3.00 -2.65
C LYS A 203 27.47 -2.35 -3.91
N LEU A 204 26.30 -2.78 -4.35
CA LEU A 204 25.73 -2.21 -5.55
C LEU A 204 25.39 -0.75 -5.35
N LEU A 205 24.77 -0.44 -4.21
CA LEU A 205 24.28 0.91 -4.00
C LEU A 205 25.43 1.86 -3.71
N GLU A 206 26.45 1.40 -2.99
CA GLU A 206 27.64 2.21 -2.72
C GLU A 206 28.42 2.50 -4.00
N GLU A 207 28.63 1.47 -4.82
CA GLU A 207 29.30 1.60 -6.12
C GLU A 207 28.49 2.46 -7.08
N MET A 208 27.18 2.31 -7.04
CA MET A 208 26.34 3.17 -7.87
C MET A 208 26.53 4.63 -7.52
N LYS A 209 26.56 4.94 -6.21
CA LYS A 209 26.70 6.32 -5.76
C LYS A 209 28.06 6.94 -6.12
N GLU A 210 29.14 6.19 -5.97
CA GLU A 210 30.43 6.68 -6.34
C GLU A 210 30.46 7.03 -7.82
N MET A 211 29.85 6.17 -8.64
CA MET A 211 29.84 6.31 -10.10
C MET A 211 28.96 7.51 -10.47
N TYR A 212 27.81 7.58 -9.81
CA TYR A 212 26.91 8.73 -9.97
C TYR A 212 27.61 10.03 -9.65
N ASP A 213 28.39 10.06 -8.57
CA ASP A 213 29.06 11.31 -8.16
C ASP A 213 30.09 11.75 -9.19
N VAL A 214 30.71 10.81 -9.90
CA VAL A 214 31.68 11.19 -10.93
C VAL A 214 31.02 11.50 -12.31
N LEU A 215 30.14 10.62 -12.80
CA LEU A 215 29.53 10.82 -14.13
C LEU A 215 28.46 11.90 -14.21
N LYS A 216 27.73 12.10 -13.11
CA LYS A 216 26.55 12.95 -13.11
C LYS A 216 25.61 12.61 -14.27
N PRO A 217 25.20 11.34 -14.35
CA PRO A 217 24.37 10.87 -15.46
C PRO A 217 23.01 11.55 -15.38
N ASP A 218 22.32 11.64 -16.49
CA ASP A 218 21.01 12.27 -16.51
C ASP A 218 19.94 11.29 -16.06
N ASP A 219 20.28 10.01 -16.01
CA ASP A 219 19.30 8.98 -15.81
C ASP A 219 19.97 7.75 -15.22
N VAL A 220 19.37 7.22 -14.16
CA VAL A 220 19.88 6.03 -13.53
C VAL A 220 18.84 4.97 -13.55
N ILE A 221 19.20 3.81 -14.06
CA ILE A 221 18.24 2.77 -14.25
C ILE A 221 18.70 1.49 -13.57
N LEU A 222 17.89 1.00 -12.63
CA LEU A 222 18.11 -0.29 -11.98
C LEU A 222 17.49 -1.38 -12.86
N VAL A 223 18.28 -2.43 -13.16
CA VAL A 223 17.81 -3.53 -13.98
C VAL A 223 17.45 -4.69 -13.03
N ILE A 224 16.21 -5.14 -13.08
CA ILE A 224 15.72 -6.20 -12.19
C ILE A 224 15.22 -7.40 -12.99
N ASP A 225 15.75 -8.57 -12.67
CA ASP A 225 15.33 -9.83 -13.27
C ASP A 225 13.98 -10.26 -12.67
N ALA A 226 12.96 -10.42 -13.52
CA ALA A 226 11.61 -10.72 -13.05
C ALA A 226 11.51 -12.04 -12.27
N SER A 227 12.44 -12.95 -12.53
CA SER A 227 12.40 -14.27 -11.91
C SER A 227 12.52 -14.25 -10.39
N ILE A 228 12.84 -13.09 -9.82
CA ILE A 228 12.92 -12.99 -8.37
C ILE A 228 11.55 -12.68 -7.76
N GLY A 229 10.56 -12.46 -8.61
CA GLY A 229 9.21 -12.21 -8.15
C GLY A 229 9.12 -11.03 -7.19
N GLN A 230 8.34 -11.20 -6.13
CA GLN A 230 8.06 -10.12 -5.20
C GLN A 230 9.26 -9.76 -4.32
N LYS A 231 10.28 -10.63 -4.33
CA LYS A 231 11.54 -10.30 -3.68
C LYS A 231 12.21 -9.07 -4.30
N ALA A 232 11.74 -8.65 -5.47
CA ALA A 232 12.23 -7.41 -6.08
C ALA A 232 11.96 -6.19 -5.21
N TYR A 233 11.05 -6.31 -4.25
CA TYR A 233 10.67 -5.19 -3.40
C TYR A 233 11.86 -4.59 -2.66
N ASP A 234 12.69 -5.46 -2.10
CA ASP A 234 13.77 -4.99 -1.26
C ASP A 234 14.77 -4.10 -2.05
N LEU A 235 15.32 -4.59 -3.15
CA LEU A 235 16.28 -3.77 -3.89
C LEU A 235 15.62 -2.54 -4.54
N ALA A 236 14.45 -2.73 -5.12
CA ALA A 236 13.76 -1.58 -5.71
C ALA A 236 13.53 -0.48 -4.67
N SER A 237 13.20 -0.89 -3.46
CA SER A 237 12.93 0.08 -2.41
C SER A 237 14.18 0.77 -1.93
N ARG A 238 15.23 0.00 -1.68
CA ARG A 238 16.51 0.60 -1.32
C ARG A 238 17.04 1.52 -2.45
N PHE A 239 16.89 1.07 -3.70
CA PHE A 239 17.29 1.88 -4.84
C PHE A 239 16.47 3.17 -4.91
N HIS A 240 15.15 3.04 -4.74
CA HIS A 240 14.26 4.20 -4.80
C HIS A 240 14.62 5.23 -3.73
N GLN A 241 15.02 4.77 -2.55
CA GLN A 241 15.36 5.67 -1.47
C GLN A 241 16.70 6.33 -1.75
N ALA A 242 17.66 5.55 -2.21
CA ALA A 242 18.97 6.05 -2.57
C ALA A 242 18.97 6.91 -3.84
N SER A 243 18.04 6.63 -4.76
CA SER A 243 18.00 7.39 -6.00
C SER A 243 16.56 7.69 -6.41
N PRO A 244 16.01 8.78 -5.85
CA PRO A 244 14.62 9.19 -6.07
C PRO A 244 14.32 9.48 -7.54
N ILE A 245 15.32 9.91 -8.29
CA ILE A 245 15.20 10.15 -9.73
C ILE A 245 15.22 8.86 -10.54
N GLY A 246 15.86 7.82 -9.99
CA GLY A 246 16.05 6.58 -10.71
C GLY A 246 14.78 5.90 -11.15
N SER A 247 14.88 5.10 -12.20
CA SER A 247 13.77 4.29 -12.64
C SER A 247 14.25 2.85 -12.78
N VAL A 248 13.35 1.97 -13.20
CA VAL A 248 13.59 0.55 -13.21
C VAL A 248 13.29 -0.04 -14.58
N ILE A 249 14.07 -1.03 -14.96
CA ILE A 249 13.70 -1.88 -16.07
C ILE A 249 13.61 -3.30 -15.56
N ILE A 250 12.52 -3.98 -15.89
CA ILE A 250 12.35 -5.37 -15.50
C ILE A 250 12.55 -6.31 -16.68
N THR A 251 13.50 -7.24 -16.53
CA THR A 251 13.86 -8.12 -17.63
C THR A 251 13.25 -9.49 -17.43
N LYS A 252 13.19 -10.25 -18.51
CA LYS A 252 12.72 -11.63 -18.47
C LYS A 252 11.26 -11.74 -18.03
N MET A 253 10.42 -10.82 -18.48
CA MET A 253 8.99 -10.93 -18.22
C MET A 253 8.37 -12.09 -19.01
N ASP A 254 9.22 -12.76 -19.79
CA ASP A 254 8.82 -13.84 -20.69
C ASP A 254 9.39 -15.19 -20.23
N GLY A 255 10.30 -15.16 -19.25
CA GLY A 255 10.96 -16.37 -18.80
C GLY A 255 10.62 -16.81 -17.37
N THR A 256 9.47 -16.35 -16.85
CA THR A 256 9.02 -16.78 -15.53
C THR A 256 7.57 -16.51 -15.24
N ALA A 257 7.09 -17.17 -14.20
CA ALA A 257 5.72 -17.03 -13.75
C ALA A 257 5.66 -15.97 -12.68
N LYS A 258 6.82 -15.54 -12.19
CA LYS A 258 6.86 -14.61 -11.07
C LYS A 258 6.93 -13.14 -11.51
N GLY A 259 6.76 -12.89 -12.81
CA GLY A 259 6.85 -11.54 -13.37
C GLY A 259 5.82 -10.60 -12.77
N GLY A 260 4.62 -11.13 -12.52
CA GLY A 260 3.55 -10.39 -11.89
C GLY A 260 3.97 -9.92 -10.51
N GLY A 261 4.61 -10.81 -9.77
CA GLY A 261 5.11 -10.48 -8.46
C GLY A 261 6.13 -9.36 -8.52
N ALA A 262 7.09 -9.48 -9.43
CA ALA A 262 8.17 -8.49 -9.58
C ALA A 262 7.62 -7.12 -9.92
N LEU A 263 6.79 -7.08 -10.95
CA LEU A 263 6.18 -5.85 -11.40
C LEU A 263 5.36 -5.18 -10.29
N SER A 264 4.43 -5.92 -9.67
CA SER A 264 3.63 -5.32 -8.61
C SER A 264 4.48 -4.89 -7.40
N ALA A 265 5.49 -5.68 -7.05
CA ALA A 265 6.38 -5.32 -5.95
C ALA A 265 7.10 -4.00 -6.20
N VAL A 266 7.68 -3.85 -7.39
CA VAL A 266 8.39 -2.62 -7.74
C VAL A 266 7.46 -1.42 -7.74
N VAL A 267 6.28 -1.60 -8.32
CA VAL A 267 5.23 -0.58 -8.32
C VAL A 267 4.89 -0.15 -6.89
N ALA A 268 4.79 -1.12 -5.99
CA ALA A 268 4.42 -0.82 -4.60
C ALA A 268 5.46 0.05 -3.90
N THR A 269 6.69 0.10 -4.41
CA THR A 269 7.73 0.93 -3.77
C THR A 269 7.53 2.38 -4.16
N GLY A 270 6.76 2.62 -5.22
CA GLY A 270 6.61 3.96 -5.76
C GLY A 270 7.62 4.25 -6.85
N ALA A 271 8.57 3.34 -7.10
CA ALA A 271 9.51 3.50 -8.23
C ALA A 271 8.85 3.36 -9.59
N THR A 272 9.30 4.17 -10.54
CA THR A 272 8.80 4.13 -11.91
C THR A 272 9.47 3.05 -12.75
N ILE A 273 8.67 2.24 -13.43
CA ILE A 273 9.19 1.30 -14.40
C ILE A 273 9.09 1.94 -15.77
N LYS A 274 10.21 2.10 -16.46
CA LYS A 274 10.21 2.78 -17.76
C LYS A 274 10.11 1.80 -18.93
N PHE A 275 10.75 0.65 -18.81
CA PHE A 275 10.71 -0.33 -19.91
C PHE A 275 10.59 -1.73 -19.33
N ILE A 276 10.14 -2.66 -20.15
CA ILE A 276 10.29 -4.07 -19.79
C ILE A 276 10.99 -4.81 -20.91
N GLY A 277 11.82 -5.80 -20.53
CA GLY A 277 12.47 -6.72 -21.44
C GLY A 277 11.60 -7.95 -21.64
N THR A 278 11.43 -8.37 -22.89
CA THR A 278 10.49 -9.43 -23.23
C THR A 278 11.14 -10.56 -24.02
N GLY A 279 12.44 -10.78 -23.85
CA GLY A 279 13.11 -11.87 -24.55
C GLY A 279 14.60 -11.64 -24.76
N GLU A 280 15.25 -12.56 -25.46
CA GLU A 280 16.70 -12.51 -25.57
C GLU A 280 17.20 -11.67 -26.74
N LYS A 281 16.32 -11.38 -27.68
CA LYS A 281 16.71 -10.66 -28.89
C LYS A 281 16.83 -9.16 -28.61
N ILE A 282 17.74 -8.51 -29.32
CA ILE A 282 18.08 -7.13 -29.07
C ILE A 282 16.92 -6.13 -29.29
N ASP A 283 15.89 -6.54 -30.02
CA ASP A 283 14.78 -5.65 -30.31
C ASP A 283 13.62 -5.83 -29.34
N GLU A 284 13.79 -6.77 -28.42
CA GLU A 284 12.73 -7.10 -27.48
C GLU A 284 12.76 -6.24 -26.21
N LEU A 285 12.47 -4.95 -26.41
CA LEU A 285 12.34 -4.01 -25.31
C LEU A 285 11.15 -3.13 -25.63
N GLU A 286 10.31 -2.86 -24.64
CA GLU A 286 9.19 -1.98 -24.84
C GLU A 286 9.07 -0.98 -23.70
N THR A 287 8.58 0.21 -24.03
CA THR A 287 8.22 1.18 -23.00
C THR A 287 7.12 0.54 -22.17
N PHE A 288 7.21 0.68 -20.86
CA PHE A 288 6.22 0.06 -19.99
C PHE A 288 4.91 0.84 -19.89
N ASN A 289 3.81 0.14 -20.13
CA ASN A 289 2.47 0.70 -20.00
C ASN A 289 1.59 -0.32 -19.28
N ALA A 290 1.17 0.01 -18.07
CA ALA A 290 0.42 -0.93 -17.25
C ALA A 290 -0.87 -1.44 -17.92
N LYS A 291 -1.65 -0.53 -18.52
CA LYS A 291 -2.91 -0.89 -19.21
C LYS A 291 -2.67 -1.89 -20.35
N ARG A 292 -1.61 -1.67 -21.12
CA ARG A 292 -1.24 -2.55 -22.22
C ARG A 292 -0.78 -3.90 -21.65
N PHE A 293 -0.04 -3.88 -20.55
CA PHE A 293 0.37 -5.13 -19.91
C PHE A 293 -0.86 -5.94 -19.46
N VAL A 294 -1.86 -5.25 -18.91
CA VAL A 294 -3.08 -5.93 -18.43
C VAL A 294 -3.94 -6.47 -19.57
N SER A 295 -4.05 -5.73 -20.67
CA SER A 295 -4.74 -6.25 -21.87
C SER A 295 -4.15 -7.59 -22.29
N ARG A 296 -2.82 -7.68 -22.34
CA ARG A 296 -2.16 -8.91 -22.77
C ARG A 296 -2.45 -10.08 -21.82
N ILE A 297 -2.62 -9.80 -20.54
CA ILE A 297 -2.79 -10.87 -19.57
C ILE A 297 -4.28 -11.20 -19.42
N LEU A 298 -5.13 -10.23 -19.74
CA LEU A 298 -6.57 -10.43 -19.72
C LEU A 298 -7.03 -11.13 -20.99
N GLY A 299 -6.38 -10.80 -22.10
CA GLY A 299 -6.71 -11.39 -23.37
C GLY A 299 -7.20 -10.32 -24.32
N LEU B 8 4.26 8.96 21.36
CA LEU B 8 4.77 9.77 20.24
C LEU B 8 5.14 11.15 20.72
N GLU B 9 5.69 11.24 21.93
CA GLU B 9 6.11 12.51 22.47
C GLU B 9 7.40 12.94 21.81
N ASN B 10 7.96 12.03 21.02
CA ASN B 10 9.17 12.30 20.25
C ASN B 10 8.98 13.09 18.98
N ILE B 11 7.83 12.96 18.32
CA ILE B 11 7.57 13.79 17.15
C ILE B 11 7.02 15.17 17.47
N ARG B 12 6.30 15.29 18.58
CA ARG B 12 5.81 16.58 19.04
C ARG B 12 6.97 17.57 19.24
N ASP B 13 7.97 17.14 20.00
CA ASP B 13 9.11 18.01 20.29
C ASP B 13 10.13 18.06 19.15
N ALA B 14 10.12 17.05 18.28
CA ALA B 14 10.97 17.09 17.10
C ALA B 14 10.50 18.19 16.16
N VAL B 15 9.17 18.32 16.02
CA VAL B 15 8.60 19.39 15.22
C VAL B 15 8.97 20.72 15.87
N ARG B 16 8.82 20.76 17.18
CA ARG B 16 9.23 21.92 17.96
C ARG B 16 10.71 22.22 17.70
N LYS B 17 11.55 21.19 17.78
CA LYS B 17 12.99 21.37 17.53
C LYS B 17 13.25 21.84 16.10
N PHE B 18 12.54 21.25 15.15
CA PHE B 18 12.77 21.56 13.75
C PHE B 18 12.33 22.98 13.42
N LEU B 19 11.17 23.38 13.94
CA LEU B 19 10.64 24.72 13.65
C LEU B 19 11.43 25.84 14.33
N THR B 20 11.70 25.70 15.62
CA THR B 20 12.40 26.74 16.39
C THR B 20 13.91 26.75 16.19
N GLY B 21 14.43 25.70 15.56
CA GLY B 21 15.86 25.52 15.37
C GLY B 21 16.53 26.47 14.38
N SER B 22 17.87 26.49 14.43
CA SER B 22 18.66 27.36 13.58
C SER B 22 19.54 26.56 12.63
N THR B 23 19.42 25.24 12.68
CA THR B 23 20.24 24.36 11.85
C THR B 23 19.88 24.60 10.38
N PRO B 24 20.87 24.52 9.48
CA PRO B 24 20.61 24.70 8.04
C PRO B 24 19.52 23.78 7.49
N TYR B 25 18.69 24.35 6.62
CA TYR B 25 17.50 23.70 6.12
C TYR B 25 17.68 22.24 5.74
N GLU B 26 18.53 21.98 4.76
CA GLU B 26 18.68 20.63 4.23
C GLU B 26 19.06 19.63 5.33
N LYS B 27 19.94 20.05 6.22
CA LYS B 27 20.42 19.18 7.29
C LYS B 27 19.31 18.90 8.30
N ALA B 28 18.55 19.94 8.64
CA ALA B 28 17.46 19.81 9.60
C ALA B 28 16.34 18.89 9.08
N VAL B 29 15.98 19.07 7.82
CA VAL B 29 15.04 18.19 7.14
C VAL B 29 15.49 16.72 7.19
N ASP B 30 16.74 16.43 6.81
CA ASP B 30 17.20 15.04 6.86
C ASP B 30 17.12 14.49 8.28
N GLU B 31 17.39 15.37 9.24
CA GLU B 31 17.35 15.01 10.65
C GLU B 31 15.91 14.77 11.10
N PHE B 32 14.99 15.58 10.61
CA PHE B 32 13.61 15.41 10.97
C PHE B 32 13.07 14.10 10.37
N ILE B 33 13.35 13.86 9.09
CA ILE B 33 12.95 12.61 8.45
C ILE B 33 13.44 11.38 9.22
N LYS B 34 14.69 11.42 9.67
CA LYS B 34 15.23 10.27 10.41
C LYS B 34 14.51 10.09 11.74
N ASP B 35 14.17 11.19 12.38
CA ASP B 35 13.42 11.14 13.63
C ASP B 35 12.01 10.60 13.43
N LEU B 36 11.36 11.08 12.38
CA LEU B 36 10.00 10.63 12.05
C LEU B 36 9.99 9.14 11.79
N GLN B 37 10.92 8.67 10.96
CA GLN B 37 11.05 7.25 10.68
C GLN B 37 11.22 6.44 11.95
N LYS B 38 12.04 6.96 12.87
CA LYS B 38 12.32 6.29 14.13
C LYS B 38 11.06 6.19 14.96
N SER B 39 10.32 7.29 15.04
CA SER B 39 9.12 7.33 15.87
C SER B 39 8.01 6.42 15.32
N LEU B 40 7.78 6.50 14.02
CA LEU B 40 6.77 5.66 13.39
C LEU B 40 7.11 4.20 13.61
N ILE B 41 8.37 3.86 13.38
CA ILE B 41 8.80 2.48 13.51
C ILE B 41 8.61 1.99 14.96
N SER B 42 8.87 2.87 15.92
CA SER B 42 8.69 2.55 17.32
C SER B 42 7.20 2.40 17.68
N SER B 43 6.32 2.99 16.87
CA SER B 43 4.89 2.90 17.09
C SER B 43 4.31 1.65 16.43
N ASP B 44 5.21 0.78 15.97
CA ASP B 44 4.84 -0.46 15.30
C ASP B 44 4.15 -0.22 13.95
N VAL B 45 4.35 0.96 13.37
CA VAL B 45 3.91 1.15 11.99
C VAL B 45 4.74 0.26 11.09
N ASN B 46 4.07 -0.44 10.17
CA ASN B 46 4.76 -1.32 9.22
C ASN B 46 5.89 -0.59 8.43
N VAL B 47 7.05 -1.23 8.36
CA VAL B 47 8.24 -0.68 7.68
C VAL B 47 8.01 -0.13 6.26
N LYS B 48 7.31 -0.92 5.43
CA LYS B 48 6.96 -0.50 4.08
C LYS B 48 6.20 0.81 4.06
N LEU B 49 5.25 0.94 4.98
CA LEU B 49 4.44 2.15 5.04
C LEU B 49 5.33 3.33 5.42
N VAL B 50 6.25 3.11 6.34
CA VAL B 50 7.15 4.18 6.74
C VAL B 50 8.01 4.66 5.56
N PHE B 51 8.63 3.73 4.86
CA PHE B 51 9.54 4.12 3.78
C PHE B 51 8.78 4.68 2.60
N SER B 52 7.57 4.16 2.35
CA SER B 52 6.74 4.74 1.30
C SER B 52 6.36 6.16 1.68
N LEU B 53 6.15 6.40 2.95
CA LEU B 53 5.78 7.73 3.41
C LEU B 53 6.94 8.71 3.23
N THR B 54 8.13 8.31 3.61
CA THR B 54 9.31 9.15 3.43
C THR B 54 9.62 9.39 1.95
N ALA B 55 9.51 8.35 1.13
CA ALA B 55 9.70 8.55 -0.31
C ALA B 55 8.67 9.55 -0.85
N LYS B 56 7.44 9.49 -0.36
CA LYS B 56 6.43 10.43 -0.83
C LYS B 56 6.72 11.86 -0.37
N ILE B 57 7.30 11.98 0.82
CA ILE B 57 7.66 13.28 1.32
C ILE B 57 8.78 13.93 0.50
N LYS B 58 9.87 13.19 0.29
CA LYS B 58 10.98 13.74 -0.49
C LYS B 58 10.57 14.08 -1.91
N GLU B 59 9.86 13.14 -2.54
CA GLU B 59 9.41 13.30 -3.91
C GLU B 59 8.55 14.54 -4.11
N ARG B 60 7.77 14.87 -3.10
CA ARG B 60 6.92 16.05 -3.14
C ARG B 60 7.74 17.30 -2.87
N LEU B 61 8.77 17.15 -2.05
CA LEU B 61 9.64 18.26 -1.71
C LEU B 61 10.43 18.78 -2.91
N ASN B 62 11.15 17.88 -3.58
CA ASN B 62 11.99 18.30 -4.70
C ASN B 62 11.22 18.52 -6.00
N LYS B 63 9.89 18.50 -5.92
CA LYS B 63 9.07 18.76 -7.09
C LYS B 63 8.18 19.98 -6.85
N GLU B 64 7.80 20.20 -5.60
CA GLU B 64 7.02 21.38 -5.28
C GLU B 64 7.91 22.36 -4.55
N LYS B 65 8.58 23.24 -5.29
CA LYS B 65 9.36 24.28 -4.66
C LYS B 65 8.39 25.33 -4.11
N PRO B 66 8.54 25.66 -2.82
CA PRO B 66 7.68 26.60 -2.10
C PRO B 66 7.88 28.02 -2.57
N PRO B 67 6.80 28.82 -2.59
CA PRO B 67 6.93 30.23 -2.95
C PRO B 67 7.81 30.94 -1.96
N SER B 68 8.58 31.90 -2.44
CA SER B 68 9.52 32.64 -1.61
C SER B 68 8.80 33.31 -0.44
N VAL B 69 7.55 33.66 -0.67
CA VAL B 69 6.75 34.40 0.30
C VAL B 69 6.48 33.66 1.62
N LEU B 70 6.77 32.37 1.68
CA LEU B 70 6.53 31.62 2.92
C LEU B 70 7.77 30.87 3.42
N GLU B 71 7.89 30.77 4.73
CA GLU B 71 9.04 30.12 5.37
C GLU B 71 9.15 28.64 4.99
N ARG B 72 10.35 28.25 4.57
CA ARG B 72 10.64 26.87 4.14
C ARG B 72 10.24 25.82 5.19
N LYS B 73 10.61 26.06 6.45
CA LYS B 73 10.39 25.09 7.51
C LYS B 73 8.91 24.81 7.70
N GLU B 74 8.11 25.87 7.61
CA GLU B 74 6.67 25.79 7.77
C GLU B 74 6.09 24.95 6.66
N TRP B 75 6.54 25.26 5.43
CA TRP B 75 6.12 24.56 4.23
C TRP B 75 6.40 23.06 4.32
N PHE B 76 7.59 22.72 4.81
CA PHE B 76 7.99 21.32 4.93
C PHE B 76 7.12 20.59 5.96
N ILE B 77 6.79 21.27 7.05
CA ILE B 77 5.92 20.66 8.06
C ILE B 77 4.49 20.40 7.54
N SER B 78 3.96 21.31 6.72
CA SER B 78 2.62 21.14 6.17
C SER B 78 2.58 19.89 5.30
N ILE B 79 3.64 19.68 4.52
CA ILE B 79 3.76 18.51 3.66
C ILE B 79 3.84 17.22 4.49
N VAL B 80 4.61 17.27 5.57
CA VAL B 80 4.66 16.13 6.50
C VAL B 80 3.27 15.87 7.09
N TYR B 81 2.60 16.91 7.54
CA TYR B 81 1.24 16.81 8.08
C TYR B 81 0.30 16.19 7.05
N ASP B 82 0.37 16.71 5.83
CA ASP B 82 -0.44 16.23 4.72
C ASP B 82 -0.24 14.73 4.49
N GLU B 83 1.02 14.32 4.32
CA GLU B 83 1.34 12.93 4.04
C GLU B 83 1.05 12.00 5.21
N LEU B 84 1.28 12.46 6.43
CA LEU B 84 0.94 11.68 7.62
C LEU B 84 -0.55 11.46 7.73
N SER B 85 -1.31 12.49 7.33
CA SER B 85 -2.76 12.38 7.33
C SER B 85 -3.20 11.23 6.45
N LYS B 86 -2.55 11.05 5.30
CA LYS B 86 -2.93 9.96 4.42
C LYS B 86 -2.57 8.60 5.02
N LEU B 87 -1.41 8.50 5.67
CA LEU B 87 -1.01 7.26 6.31
C LEU B 87 -2.05 6.81 7.33
N PHE B 88 -2.66 7.76 8.04
CA PHE B 88 -3.56 7.42 9.11
C PHE B 88 -5.04 7.60 8.73
N GLY B 89 -5.36 7.56 7.46
CA GLY B 89 -6.75 7.57 7.02
C GLY B 89 -6.94 8.65 5.98
N GLY B 90 -8.05 8.64 5.27
CA GLY B 90 -8.26 9.71 4.30
C GLY B 90 -8.51 11.06 4.94
N ASP B 91 -8.96 11.99 4.12
CA ASP B 91 -9.34 13.32 4.57
C ASP B 91 -10.86 13.29 4.71
N LYS B 92 -11.44 12.18 4.27
CA LYS B 92 -12.88 11.97 4.23
C LYS B 92 -13.51 11.89 5.63
N GLU B 93 -14.69 12.51 5.75
CA GLU B 93 -15.49 12.50 6.96
C GLU B 93 -16.30 11.21 7.08
N PRO B 94 -16.14 10.49 8.21
CA PRO B 94 -16.95 9.27 8.34
C PRO B 94 -18.41 9.67 8.57
N ASN B 95 -19.36 8.92 8.02
CA ASN B 95 -20.74 9.16 8.39
C ASN B 95 -21.07 8.30 9.58
N VAL B 96 -21.39 8.92 10.71
CA VAL B 96 -21.73 8.16 11.91
C VAL B 96 -23.20 8.31 12.27
N ASN B 97 -23.95 9.01 11.42
CA ASN B 97 -25.37 9.22 11.65
C ASN B 97 -26.19 8.01 11.20
N PRO B 98 -27.28 7.73 11.91
CA PRO B 98 -28.22 6.67 11.51
C PRO B 98 -28.76 6.98 10.11
N THR B 99 -29.08 5.97 9.33
CA THR B 99 -29.73 6.18 8.03
C THR B 99 -31.25 6.12 8.13
N LYS B 100 -31.73 5.53 9.21
CA LYS B 100 -33.15 5.40 9.48
C LYS B 100 -33.28 5.08 10.96
N LEU B 101 -34.49 5.21 11.48
CA LEU B 101 -34.79 4.86 12.86
C LEU B 101 -35.88 3.79 12.79
N PRO B 102 -35.75 2.71 13.57
CA PRO B 102 -34.62 2.47 14.49
C PRO B 102 -33.36 2.02 13.78
N PHE B 103 -32.21 2.21 14.42
CA PHE B 103 -30.92 1.94 13.79
C PHE B 103 -30.19 0.95 14.70
N ILE B 104 -29.90 -0.23 14.16
CA ILE B 104 -29.28 -1.29 14.95
C ILE B 104 -27.77 -1.40 14.66
N ILE B 105 -26.97 -1.25 15.71
CA ILE B 105 -25.51 -1.29 15.60
C ILE B 105 -25.04 -2.54 16.34
N MET B 106 -24.27 -3.36 15.67
CA MET B 106 -23.78 -4.59 16.26
C MET B 106 -22.27 -4.52 16.44
N LEU B 107 -21.79 -4.81 17.64
CA LEU B 107 -20.38 -4.74 17.96
C LEU B 107 -19.80 -6.15 18.04
N VAL B 108 -18.70 -6.37 17.33
CA VAL B 108 -18.00 -7.64 17.37
C VAL B 108 -16.53 -7.37 17.70
N GLY B 109 -15.86 -8.37 18.25
CA GLY B 109 -14.45 -8.23 18.58
C GLY B 109 -13.96 -9.34 19.48
N VAL B 110 -12.65 -9.56 19.54
CA VAL B 110 -12.14 -10.57 20.44
C VAL B 110 -12.31 -10.08 21.88
N GLN B 111 -12.39 -11.02 22.79
CA GLN B 111 -12.59 -10.68 24.19
C GLN B 111 -11.45 -9.84 24.75
N GLY B 112 -11.84 -8.75 25.42
CA GLY B 112 -10.89 -7.89 26.10
C GLY B 112 -10.40 -6.75 25.24
N SER B 113 -10.96 -6.63 24.05
CA SER B 113 -10.57 -5.55 23.15
C SER B 113 -11.29 -4.25 23.50
N GLY B 114 -12.27 -4.35 24.40
CA GLY B 114 -13.02 -3.19 24.89
C GLY B 114 -14.43 -3.00 24.35
N LYS B 115 -15.08 -4.09 23.93
CA LYS B 115 -16.43 -4.03 23.37
C LYS B 115 -17.50 -3.47 24.35
N THR B 116 -17.52 -3.97 25.57
CA THR B 116 -18.56 -3.56 26.52
C THR B 116 -18.44 -2.06 26.82
N THR B 117 -17.22 -1.62 27.08
CA THR B 117 -16.95 -0.21 27.36
C THR B 117 -17.38 0.66 26.21
N THR B 118 -17.01 0.24 25.01
CA THR B 118 -17.31 0.97 23.78
C THR B 118 -18.83 1.00 23.51
N ALA B 119 -19.53 -0.06 23.86
CA ALA B 119 -21.00 -0.05 23.78
C ALA B 119 -21.56 1.11 24.61
N GLY B 120 -21.06 1.25 25.84
CA GLY B 120 -21.47 2.30 26.75
C GLY B 120 -21.16 3.69 26.18
N LYS B 121 -19.95 3.82 25.63
CA LYS B 121 -19.50 5.08 25.05
C LYS B 121 -20.32 5.47 23.83
N LEU B 122 -20.65 4.49 22.99
CA LEU B 122 -21.49 4.76 21.82
C LEU B 122 -22.88 5.25 22.29
N ALA B 123 -23.42 4.61 23.32
CA ALA B 123 -24.72 5.01 23.83
C ALA B 123 -24.68 6.46 24.25
N TYR B 124 -23.65 6.81 25.01
CA TYR B 124 -23.41 8.17 25.45
C TYR B 124 -23.28 9.15 24.29
N PHE B 125 -22.48 8.77 23.29
CA PHE B 125 -22.26 9.62 22.14
C PHE B 125 -23.59 9.93 21.46
N TYR B 126 -24.38 8.90 21.20
CA TYR B 126 -25.67 9.13 20.53
C TYR B 126 -26.71 9.83 21.44
N LYS B 127 -26.72 9.51 22.73
CA LYS B 127 -27.64 10.22 23.62
C LYS B 127 -27.36 11.73 23.66
N LYS B 128 -26.08 12.10 23.70
CA LYS B 128 -25.71 13.52 23.67
C LYS B 128 -26.18 14.17 22.37
N ARG B 129 -26.37 13.36 21.35
CA ARG B 129 -26.87 13.89 20.09
C ARG B 129 -28.40 13.89 19.98
N GLY B 130 -29.08 13.54 21.07
CA GLY B 130 -30.53 13.63 21.12
C GLY B 130 -31.25 12.34 20.73
N TYR B 131 -30.54 11.22 20.68
CA TYR B 131 -31.16 9.95 20.33
C TYR B 131 -31.59 9.20 21.58
N LYS B 132 -32.65 8.40 21.45
CA LYS B 132 -33.05 7.45 22.45
C LYS B 132 -32.30 6.12 22.20
N VAL B 133 -31.48 5.73 23.15
CA VAL B 133 -30.64 4.56 22.95
C VAL B 133 -31.00 3.38 23.86
N GLY B 134 -30.93 2.19 23.28
CA GLY B 134 -31.05 0.96 24.03
C GLY B 134 -29.80 0.14 23.83
N LEU B 135 -29.33 -0.48 24.92
CA LEU B 135 -28.17 -1.36 24.92
C LEU B 135 -28.61 -2.80 25.12
N VAL B 136 -28.00 -3.71 24.37
CA VAL B 136 -28.33 -5.13 24.51
C VAL B 136 -27.10 -5.95 24.89
N ALA B 137 -27.17 -6.64 26.03
CA ALA B 137 -26.07 -7.46 26.52
C ALA B 137 -26.19 -8.88 25.99
N ALA B 138 -25.53 -9.16 24.88
CA ALA B 138 -25.57 -10.49 24.32
C ALA B 138 -24.20 -11.19 24.30
N ASP B 139 -23.32 -10.78 25.21
CA ASP B 139 -22.03 -11.43 25.38
C ASP B 139 -22.18 -12.47 26.50
N VAL B 140 -22.46 -13.71 26.12
CA VAL B 140 -22.65 -14.81 27.07
C VAL B 140 -21.36 -15.50 27.52
N TYR B 141 -20.23 -15.14 26.92
CA TYR B 141 -18.98 -15.84 27.20
C TYR B 141 -18.16 -15.18 28.31
N ARG B 142 -18.40 -13.91 28.54
CA ARG B 142 -17.83 -13.26 29.72
C ARG B 142 -18.94 -13.07 30.74
N PRO B 143 -18.80 -13.72 31.90
CA PRO B 143 -19.89 -13.81 32.88
C PRO B 143 -20.42 -12.45 33.32
N ALA B 144 -19.52 -11.56 33.69
CA ALA B 144 -19.90 -10.26 34.25
C ALA B 144 -20.45 -9.25 33.23
N ALA B 145 -20.61 -9.66 31.98
CA ALA B 145 -20.89 -8.70 30.91
C ALA B 145 -22.19 -7.93 31.04
N TYR B 146 -23.28 -8.63 31.34
CA TYR B 146 -24.54 -7.97 31.54
C TYR B 146 -24.43 -6.93 32.65
N ASP B 147 -23.91 -7.36 33.80
CA ASP B 147 -23.74 -6.49 34.95
C ASP B 147 -22.88 -5.27 34.66
N GLN B 148 -21.76 -5.49 34.00
CA GLN B 148 -20.86 -4.42 33.62
C GLN B 148 -21.55 -3.43 32.66
N LEU B 149 -22.20 -3.94 31.63
CA LEU B 149 -22.91 -3.07 30.72
C LEU B 149 -24.07 -2.37 31.45
N LEU B 150 -24.73 -3.09 32.37
CA LEU B 150 -25.84 -2.49 33.13
C LEU B 150 -25.37 -1.25 33.89
N GLN B 151 -24.22 -1.36 34.53
CA GLN B 151 -23.70 -0.24 35.32
C GLN B 151 -23.38 0.96 34.42
N LEU B 152 -22.88 0.70 33.21
CA LEU B 152 -22.63 1.78 32.24
C LEU B 152 -23.94 2.45 31.82
N GLY B 153 -24.96 1.66 31.50
CA GLY B 153 -26.28 2.20 31.18
C GLY B 153 -26.86 3.06 32.32
N ASN B 154 -26.80 2.55 33.54
CA ASN B 154 -27.25 3.30 34.71
C ASN B 154 -26.54 4.66 34.88
N GLN B 155 -25.26 4.71 34.57
CA GLN B 155 -24.53 5.96 34.65
C GLN B 155 -25.10 7.05 33.72
N ILE B 156 -25.65 6.65 32.59
CA ILE B 156 -26.11 7.62 31.60
C ILE B 156 -27.59 7.59 31.31
N GLY B 157 -28.36 6.89 32.14
CA GLY B 157 -29.81 6.87 31.99
C GLY B 157 -30.27 6.11 30.77
N VAL B 158 -29.52 5.08 30.41
CA VAL B 158 -29.84 4.24 29.25
C VAL B 158 -30.18 2.81 29.69
N GLN B 159 -31.26 2.28 29.16
CA GLN B 159 -31.74 0.95 29.54
C GLN B 159 -30.91 -0.14 28.90
N VAL B 160 -30.73 -1.23 29.63
CA VAL B 160 -29.94 -2.34 29.17
C VAL B 160 -30.75 -3.64 29.21
N TYR B 161 -30.98 -4.24 28.05
CA TYR B 161 -31.61 -5.55 28.00
C TYR B 161 -30.60 -6.69 28.20
N GLY B 162 -30.97 -7.65 29.03
CA GLY B 162 -30.14 -8.84 29.20
C GLY B 162 -30.91 -10.05 29.68
N GLU B 163 -30.32 -11.25 29.52
CA GLU B 163 -30.89 -12.52 30.03
C GLU B 163 -29.77 -13.35 30.59
N PRO B 164 -29.42 -13.10 31.85
CA PRO B 164 -28.27 -13.71 32.52
C PRO B 164 -28.23 -15.25 32.51
N ASN B 165 -29.38 -15.93 32.45
CA ASN B 165 -29.39 -17.40 32.45
C ASN B 165 -29.66 -18.04 31.08
N ASN B 166 -29.57 -17.24 30.02
CA ASN B 166 -29.70 -17.77 28.67
C ASN B 166 -28.32 -17.87 28.05
N GLN B 167 -28.03 -19.02 27.46
CA GLN B 167 -26.70 -19.28 26.90
C GLN B 167 -26.69 -19.14 25.39
N ASN B 168 -27.83 -18.72 24.82
CA ASN B 168 -27.89 -18.49 23.38
C ASN B 168 -27.87 -17.00 23.05
N PRO B 169 -26.70 -16.49 22.62
CA PRO B 169 -26.53 -15.06 22.35
C PRO B 169 -27.42 -14.53 21.22
N ILE B 170 -27.75 -15.37 20.25
CA ILE B 170 -28.57 -14.89 19.15
C ILE B 170 -29.99 -14.65 19.65
N GLU B 171 -30.46 -15.55 20.50
CA GLU B 171 -31.79 -15.43 21.06
C GLU B 171 -31.89 -14.19 21.96
N ILE B 172 -30.89 -13.97 22.79
CA ILE B 172 -30.84 -12.77 23.61
C ILE B 172 -30.86 -11.53 22.74
N ALA B 173 -29.97 -11.48 21.75
CA ALA B 173 -29.81 -10.31 20.91
C ALA B 173 -31.11 -9.99 20.19
N LYS B 174 -31.77 -11.01 19.68
CA LYS B 174 -32.99 -10.84 18.90
C LYS B 174 -34.14 -10.32 19.79
N LYS B 175 -34.27 -10.89 20.96
CA LYS B 175 -35.30 -10.47 21.91
C LYS B 175 -35.01 -9.05 22.37
N GLY B 176 -33.73 -8.75 22.62
CA GLY B 176 -33.34 -7.41 23.04
C GLY B 176 -33.72 -6.36 22.02
N VAL B 177 -33.37 -6.63 20.78
CA VAL B 177 -33.68 -5.74 19.68
C VAL B 177 -35.17 -5.58 19.54
N ASP B 178 -35.90 -6.69 19.53
CA ASP B 178 -37.35 -6.65 19.41
C ASP B 178 -38.00 -5.78 20.47
N ILE B 179 -37.58 -5.92 21.72
CA ILE B 179 -38.20 -5.14 22.79
C ILE B 179 -37.92 -3.65 22.64
N PHE B 180 -36.71 -3.31 22.17
CA PHE B 180 -36.38 -1.90 22.00
C PHE B 180 -37.07 -1.27 20.78
N VAL B 181 -37.17 -2.04 19.68
CA VAL B 181 -37.93 -1.60 18.52
C VAL B 181 -39.41 -1.33 18.97
N LYS B 182 -40.05 -2.30 19.61
CA LYS B 182 -41.42 -2.13 20.11
C LYS B 182 -41.58 -0.90 21.00
N ASN B 183 -40.56 -0.61 21.80
CA ASN B 183 -40.62 0.55 22.67
C ASN B 183 -40.04 1.86 22.07
N LYS B 184 -39.89 1.87 20.74
CA LYS B 184 -39.52 3.06 19.97
C LYS B 184 -38.15 3.66 20.29
N MET B 185 -37.14 2.82 20.57
CA MET B 185 -35.77 3.34 20.64
C MET B 185 -35.34 3.84 19.25
N ASP B 186 -34.52 4.88 19.20
CA ASP B 186 -33.97 5.32 17.93
C ASP B 186 -32.75 4.45 17.56
N ILE B 187 -31.86 4.21 18.53
CA ILE B 187 -30.62 3.48 18.30
C ILE B 187 -30.45 2.33 19.30
N ILE B 188 -30.13 1.17 18.77
CA ILE B 188 -29.99 -0.04 19.56
C ILE B 188 -28.61 -0.62 19.30
N ILE B 189 -27.85 -0.75 20.37
CA ILE B 189 -26.46 -1.16 20.32
C ILE B 189 -26.36 -2.51 21.01
N VAL B 190 -25.93 -3.50 20.24
CA VAL B 190 -25.83 -4.88 20.69
C VAL B 190 -24.38 -5.26 20.91
N ASP B 191 -24.08 -5.67 22.14
CA ASP B 191 -22.75 -6.15 22.52
C ASP B 191 -22.74 -7.67 22.39
N THR B 192 -21.92 -8.19 21.49
CA THR B 192 -21.90 -9.63 21.20
C THR B 192 -20.56 -10.23 21.57
N ALA B 193 -20.43 -11.55 21.45
CA ALA B 193 -19.11 -12.18 21.56
C ALA B 193 -19.08 -13.56 20.93
N GLY B 194 -17.91 -13.95 20.46
CA GLY B 194 -17.66 -15.33 20.07
C GLY B 194 -16.82 -15.97 21.16
N ARG B 195 -16.57 -17.27 21.05
CA ARG B 195 -15.69 -17.94 22.00
C ARG B 195 -14.34 -17.22 22.01
N HIS B 196 -13.77 -17.03 23.19
CA HIS B 196 -12.61 -16.14 23.35
C HIS B 196 -11.35 -16.57 22.60
N GLY B 197 -10.45 -15.61 22.44
CA GLY B 197 -9.09 -15.88 22.02
C GLY B 197 -8.78 -15.52 20.58
N TYR B 198 -7.64 -14.87 20.37
CA TYR B 198 -7.09 -14.66 19.04
C TYR B 198 -6.75 -16.01 18.41
N GLY B 199 -6.75 -17.06 19.26
CA GLY B 199 -6.54 -18.44 18.86
C GLY B 199 -7.01 -18.71 17.45
N GLU B 200 -8.32 -18.62 17.25
CA GLU B 200 -8.82 -18.59 15.89
C GLU B 200 -9.93 -17.58 15.71
N GLU B 201 -9.61 -16.57 14.92
CA GLU B 201 -10.48 -15.46 14.60
C GLU B 201 -11.57 -15.92 13.63
N THR B 202 -11.32 -17.06 12.99
CA THR B 202 -12.26 -17.65 12.05
C THR B 202 -13.54 -18.04 12.77
N LYS B 203 -13.43 -18.64 13.96
CA LYS B 203 -14.60 -18.97 14.76
C LYS B 203 -15.36 -17.70 15.09
N LEU B 204 -14.63 -16.62 15.35
CA LEU B 204 -15.24 -15.35 15.70
C LEU B 204 -16.07 -14.81 14.55
N LEU B 205 -15.55 -14.92 13.34
CA LEU B 205 -16.21 -14.37 12.17
C LEU B 205 -17.45 -15.16 11.78
N GLU B 206 -17.38 -16.48 11.95
CA GLU B 206 -18.53 -17.34 11.65
C GLU B 206 -19.67 -17.04 12.61
N GLU B 207 -19.35 -16.85 13.87
CA GLU B 207 -20.35 -16.43 14.85
C GLU B 207 -20.92 -15.03 14.56
N MET B 208 -20.08 -14.11 14.07
CA MET B 208 -20.60 -12.81 13.66
C MET B 208 -21.63 -13.01 12.54
N LYS B 209 -21.34 -13.88 11.58
CA LYS B 209 -22.25 -14.09 10.46
C LYS B 209 -23.60 -14.68 10.88
N GLU B 210 -23.59 -15.69 11.74
CA GLU B 210 -24.83 -16.28 12.21
C GLU B 210 -25.70 -15.24 12.90
N MET B 211 -25.10 -14.35 13.69
CA MET B 211 -25.91 -13.33 14.35
C MET B 211 -26.36 -12.28 13.36
N TYR B 212 -25.48 -11.91 12.44
CA TYR B 212 -25.82 -10.96 11.37
C TYR B 212 -27.04 -11.41 10.55
N ASP B 213 -27.11 -12.70 10.24
CA ASP B 213 -28.19 -13.21 9.41
C ASP B 213 -29.53 -13.13 10.14
N VAL B 214 -29.50 -13.19 11.46
CA VAL B 214 -30.73 -13.06 12.24
C VAL B 214 -31.10 -11.60 12.56
N LEU B 215 -30.15 -10.83 13.08
CA LEU B 215 -30.45 -9.46 13.48
C LEU B 215 -30.61 -8.54 12.29
N LYS B 216 -29.89 -8.83 11.22
CA LYS B 216 -29.81 -7.90 10.09
C LYS B 216 -29.53 -6.48 10.56
N PRO B 217 -28.41 -6.28 11.27
CA PRO B 217 -28.14 -4.95 11.83
C PRO B 217 -27.84 -3.94 10.73
N ASP B 218 -28.01 -2.65 11.02
CA ASP B 218 -27.75 -1.63 10.02
C ASP B 218 -26.28 -1.27 9.95
N ASP B 219 -25.52 -1.72 10.95
CA ASP B 219 -24.13 -1.34 11.09
C ASP B 219 -23.41 -2.41 11.92
N VAL B 220 -22.29 -2.90 11.40
CA VAL B 220 -21.51 -3.90 12.12
C VAL B 220 -20.16 -3.24 12.39
N ILE B 221 -19.74 -3.24 13.64
CA ILE B 221 -18.54 -2.54 14.01
C ILE B 221 -17.58 -3.48 14.71
N LEU B 222 -16.40 -3.66 14.11
CA LEU B 222 -15.34 -4.44 14.73
C LEU B 222 -14.57 -3.54 15.70
N VAL B 223 -14.40 -4.03 16.91
CA VAL B 223 -13.70 -3.27 17.94
C VAL B 223 -12.29 -3.84 18.08
N ILE B 224 -11.28 -2.98 17.89
CA ILE B 224 -9.88 -3.42 17.95
C ILE B 224 -9.09 -2.69 19.03
N ASP B 225 -8.42 -3.47 19.88
CA ASP B 225 -7.56 -2.94 20.93
C ASP B 225 -6.25 -2.44 20.31
N ALA B 226 -5.92 -1.17 20.50
CA ALA B 226 -4.73 -0.58 19.84
C ALA B 226 -3.41 -1.24 20.23
N SER B 227 -3.36 -1.84 21.41
CA SER B 227 -2.13 -2.47 21.89
C SER B 227 -1.68 -3.67 21.03
N ILE B 228 -2.49 -4.06 20.05
CA ILE B 228 -2.11 -5.16 19.15
C ILE B 228 -1.23 -4.64 18.01
N GLY B 229 -1.12 -3.32 17.90
CA GLY B 229 -0.31 -2.68 16.88
C GLY B 229 -0.65 -3.11 15.46
N GLN B 230 0.38 -3.31 14.64
CA GLN B 230 0.18 -3.63 13.23
C GLN B 230 -0.34 -5.05 13.04
N LYS B 231 -0.33 -5.86 14.10
CA LYS B 231 -0.97 -7.18 14.07
C LYS B 231 -2.49 -7.03 13.85
N ALA B 232 -3.00 -5.82 14.04
CA ALA B 232 -4.41 -5.53 13.75
C ALA B 232 -4.77 -5.78 12.30
N TYR B 233 -3.77 -5.81 11.42
CA TYR B 233 -4.00 -5.96 9.98
C TYR B 233 -4.81 -7.21 9.65
N ASP B 234 -4.45 -8.32 10.27
CA ASP B 234 -5.03 -9.62 9.95
C ASP B 234 -6.54 -9.66 10.21
N LEU B 235 -6.95 -9.32 11.42
CA LEU B 235 -8.37 -9.33 11.78
C LEU B 235 -9.18 -8.30 11.01
N ALA B 236 -8.67 -7.06 10.94
CA ALA B 236 -9.34 -5.99 10.20
C ALA B 236 -9.57 -6.41 8.76
N SER B 237 -8.58 -7.08 8.18
CA SER B 237 -8.66 -7.51 6.79
C SER B 237 -9.65 -8.65 6.61
N ARG B 238 -9.58 -9.65 7.48
CA ARG B 238 -10.55 -10.73 7.43
C ARG B 238 -11.96 -10.19 7.61
N PHE B 239 -12.11 -9.24 8.55
CA PHE B 239 -13.41 -8.59 8.77
C PHE B 239 -13.87 -7.77 7.57
N HIS B 240 -12.97 -6.94 7.02
CA HIS B 240 -13.31 -6.09 5.87
C HIS B 240 -13.81 -6.95 4.72
N GLN B 241 -13.21 -8.13 4.56
CA GLN B 241 -13.60 -9.09 3.53
C GLN B 241 -14.94 -9.78 3.85
N ALA B 242 -15.13 -10.16 5.11
CA ALA B 242 -16.37 -10.81 5.53
C ALA B 242 -17.56 -9.85 5.49
N SER B 243 -17.32 -8.58 5.81
CA SER B 243 -18.36 -7.56 5.71
C SER B 243 -17.79 -6.21 5.31
N PRO B 244 -17.71 -5.96 3.99
CA PRO B 244 -17.16 -4.73 3.39
C PRO B 244 -17.88 -3.49 3.88
N ILE B 245 -19.13 -3.67 4.31
CA ILE B 245 -19.92 -2.58 4.88
C ILE B 245 -19.49 -2.23 6.30
N GLY B 246 -18.91 -3.20 7.02
CA GLY B 246 -18.52 -2.99 8.40
C GLY B 246 -17.53 -1.86 8.58
N SER B 247 -17.47 -1.32 9.79
CA SER B 247 -16.45 -0.33 10.12
C SER B 247 -15.74 -0.73 11.39
N VAL B 248 -14.78 0.09 11.81
CA VAL B 248 -13.92 -0.27 12.92
C VAL B 248 -13.88 0.81 13.99
N ILE B 249 -13.83 0.39 15.23
CA ILE B 249 -13.51 1.29 16.30
C ILE B 249 -12.24 0.77 16.93
N ILE B 250 -11.27 1.65 17.11
CA ILE B 250 -10.01 1.31 17.74
C ILE B 250 -9.95 1.91 19.13
N THR B 251 -9.76 1.04 20.12
CA THR B 251 -9.79 1.47 21.51
C THR B 251 -8.39 1.57 22.09
N LYS B 252 -8.28 2.27 23.22
CA LYS B 252 -7.04 2.37 23.98
C LYS B 252 -5.97 3.08 23.17
N MET B 253 -6.36 4.12 22.45
CA MET B 253 -5.40 4.94 21.74
C MET B 253 -4.56 5.77 22.73
N ASP B 254 -4.87 5.64 24.02
CA ASP B 254 -4.20 6.40 25.07
C ASP B 254 -3.36 5.52 25.98
N GLY B 255 -3.54 4.20 25.87
CA GLY B 255 -2.87 3.27 26.78
C GLY B 255 -1.78 2.37 26.19
N THR B 256 -1.19 2.77 25.07
CA THR B 256 -0.14 1.97 24.45
C THR B 256 0.73 2.75 23.45
N ALA B 257 1.86 2.15 23.09
CA ALA B 257 2.79 2.78 22.16
C ALA B 257 2.55 2.33 20.73
N LYS B 258 1.74 1.29 20.57
CA LYS B 258 1.52 0.70 19.25
C LYS B 258 0.27 1.18 18.52
N GLY B 259 -0.37 2.22 19.06
CA GLY B 259 -1.60 2.73 18.48
C GLY B 259 -1.41 3.19 17.04
N GLY B 260 -0.27 3.78 16.77
CA GLY B 260 0.07 4.23 15.42
C GLY B 260 0.07 3.06 14.46
N GLY B 261 0.69 1.96 14.90
CA GLY B 261 0.73 0.74 14.12
C GLY B 261 -0.65 0.19 13.81
N ALA B 262 -1.50 0.14 14.84
CA ALA B 262 -2.86 -0.37 14.72
C ALA B 262 -3.68 0.45 13.73
N LEU B 263 -3.70 1.75 13.94
CA LEU B 263 -4.42 2.67 13.07
C LEU B 263 -3.95 2.60 11.61
N SER B 264 -2.65 2.68 11.39
CA SER B 264 -2.12 2.61 10.02
C SER B 264 -2.41 1.26 9.40
N ALA B 265 -2.33 0.20 10.19
CA ALA B 265 -2.65 -1.13 9.68
C ALA B 265 -4.10 -1.27 9.19
N VAL B 266 -5.04 -0.81 10.02
CA VAL B 266 -6.45 -0.93 9.69
C VAL B 266 -6.74 -0.12 8.44
N VAL B 267 -6.20 1.09 8.40
CA VAL B 267 -6.32 1.96 7.23
C VAL B 267 -5.81 1.23 5.98
N ALA B 268 -4.70 0.52 6.10
CA ALA B 268 -4.11 -0.19 4.96
C ALA B 268 -5.02 -1.30 4.41
N THR B 269 -5.99 -1.76 5.20
CA THR B 269 -6.91 -2.79 4.72
C THR B 269 -7.97 -2.16 3.82
N GLY B 270 -8.18 -0.85 3.95
CA GLY B 270 -9.27 -0.19 3.26
C GLY B 270 -10.54 -0.10 4.12
N ALA B 271 -10.52 -0.68 5.32
CA ALA B 271 -11.67 -0.54 6.23
C ALA B 271 -11.79 0.87 6.82
N THR B 272 -13.01 1.36 6.94
CA THR B 272 -13.28 2.68 7.51
C THR B 272 -13.26 2.65 9.04
N ILE B 273 -12.53 3.60 9.63
CA ILE B 273 -12.54 3.79 11.08
C ILE B 273 -13.49 4.93 11.44
N LYS B 274 -14.49 4.63 12.26
CA LYS B 274 -15.53 5.61 12.57
C LYS B 274 -15.25 6.38 13.85
N PHE B 275 -14.71 5.70 14.85
CA PHE B 275 -14.46 6.32 16.16
C PHE B 275 -13.14 5.81 16.73
N ILE B 276 -12.57 6.57 17.67
CA ILE B 276 -11.50 6.03 18.51
C ILE B 276 -11.79 6.20 19.99
N GLY B 277 -11.38 5.21 20.78
CA GLY B 277 -11.47 5.29 22.21
C GLY B 277 -10.21 5.89 22.81
N THR B 278 -10.39 6.85 23.71
CA THR B 278 -9.27 7.62 24.22
C THR B 278 -9.21 7.58 25.75
N GLY B 279 -9.74 6.52 26.35
CA GLY B 279 -9.67 6.38 27.79
C GLY B 279 -10.77 5.51 28.39
N GLU B 280 -10.80 5.43 29.71
CA GLU B 280 -11.68 4.51 30.40
C GLU B 280 -13.07 5.07 30.70
N LYS B 281 -13.19 6.40 30.64
CA LYS B 281 -14.45 7.08 30.98
C LYS B 281 -15.48 7.02 29.85
N ILE B 282 -16.76 7.06 30.23
CA ILE B 282 -17.85 6.85 29.28
C ILE B 282 -17.94 7.93 28.19
N ASP B 283 -17.33 9.09 28.44
CA ASP B 283 -17.36 10.17 27.46
C ASP B 283 -16.13 10.20 26.53
N GLU B 284 -15.21 9.28 26.75
CA GLU B 284 -13.94 9.32 26.00
C GLU B 284 -14.02 8.56 24.67
N LEU B 285 -14.85 9.09 23.77
CA LEU B 285 -14.99 8.57 22.42
C LEU B 285 -15.13 9.75 21.45
N GLU B 286 -14.44 9.70 20.33
CA GLU B 286 -14.61 10.75 19.34
C GLU B 286 -14.69 10.13 17.96
N THR B 287 -15.41 10.81 17.07
CA THR B 287 -15.46 10.41 15.68
C THR B 287 -14.04 10.50 15.13
N PHE B 288 -13.64 9.52 14.34
CA PHE B 288 -12.26 9.51 13.87
C PHE B 288 -12.00 10.46 12.70
N ASN B 289 -11.00 11.31 12.90
CA ASN B 289 -10.55 12.23 11.87
C ASN B 289 -9.02 12.24 11.79
N ALA B 290 -8.47 11.74 10.70
CA ALA B 290 -7.02 11.59 10.56
C ALA B 290 -6.27 12.92 10.72
N LYS B 291 -6.78 13.97 10.08
CA LYS B 291 -6.17 15.30 10.16
C LYS B 291 -6.08 15.77 11.61
N ARG B 292 -7.14 15.55 12.38
CA ARG B 292 -7.14 15.92 13.79
C ARG B 292 -6.15 15.04 14.55
N PHE B 293 -6.14 13.75 14.21
CA PHE B 293 -5.23 12.83 14.87
C PHE B 293 -3.77 13.24 14.67
N VAL B 294 -3.43 13.61 13.43
CA VAL B 294 -2.04 13.97 13.12
C VAL B 294 -1.67 15.32 13.73
N SER B 295 -2.61 16.25 13.68
CA SER B 295 -2.44 17.56 14.30
C SER B 295 -2.06 17.44 15.79
N ARG B 296 -2.74 16.54 16.50
CA ARG B 296 -2.44 16.30 17.91
C ARG B 296 -1.04 15.70 18.06
N ILE B 297 -0.62 14.96 17.03
CA ILE B 297 0.60 14.19 17.11
C ILE B 297 1.84 14.99 16.69
N LEU B 298 1.63 16.00 15.84
CA LEU B 298 2.70 16.92 15.46
C LEU B 298 2.88 17.99 16.52
N GLY B 299 1.77 18.34 17.17
CA GLY B 299 1.76 19.34 18.23
C GLY B 299 0.90 20.55 17.91
PB GDP C . 24.21 -9.21 -16.75
O1B GDP C . 24.99 -8.21 -17.58
O2B GDP C . 23.58 -8.41 -15.66
O3B GDP C . 25.12 -10.25 -16.13
O3A GDP C . 23.11 -10.02 -17.63
PA GDP C . 23.17 -10.36 -19.21
O1A GDP C . 22.87 -9.11 -20.00
O2A GDP C . 24.41 -11.09 -19.65
O5' GDP C . 21.96 -11.44 -19.34
C5' GDP C . 22.14 -12.71 -18.73
C4' GDP C . 21.23 -13.74 -19.38
O4' GDP C . 19.88 -13.29 -19.33
C3' GDP C . 21.59 -13.92 -20.84
O3' GDP C . 21.67 -15.33 -21.11
C2' GDP C . 20.45 -13.28 -21.61
O2' GDP C . 20.18 -14.01 -22.81
C1' GDP C . 19.29 -13.36 -20.63
N9 GDP C . 18.29 -12.25 -20.78
C8 GDP C . 18.51 -10.93 -20.62
N7 GDP C . 17.37 -10.21 -20.81
C5 GDP C . 16.39 -11.11 -21.09
C6 GDP C . 14.93 -11.06 -21.39
O6 GDP C . 14.33 -9.95 -21.44
N1 GDP C . 14.30 -12.23 -21.61
C2 GDP C . 14.93 -13.42 -21.58
N2 GDP C . 14.23 -14.56 -21.81
N3 GDP C . 16.25 -13.54 -21.30
C4 GDP C . 17.01 -12.44 -21.06
S SO4 D . 22.58 -7.25 1.39
O1 SO4 D . 23.34 -6.45 0.44
O2 SO4 D . 21.42 -7.83 0.71
O3 SO4 D . 23.41 -8.34 1.90
O4 SO4 D . 22.13 -6.40 2.49
S SO4 E . -26.53 -8.88 -18.90
O1 SO4 E . -27.43 -9.34 -17.85
O2 SO4 E . -26.92 -9.48 -20.17
O3 SO4 E . -25.15 -9.25 -18.58
O4 SO4 E . -26.64 -7.42 -19.01
PB GDP F . -14.62 -6.61 26.32
O1B GDP F . -14.30 -6.67 24.85
O2B GDP F . -16.10 -6.28 26.48
O3B GDP F . -14.37 -8.00 26.85
O3A GDP F . -13.73 -5.46 27.02
PA GDP F . -14.12 -4.38 28.19
O1A GDP F . -15.08 -3.32 27.71
O2A GDP F . -14.60 -5.07 29.45
O5' GDP F . -12.73 -3.61 28.50
C5' GDP F . -11.57 -4.32 28.93
C4' GDP F . -10.64 -3.32 29.62
O4' GDP F . -10.21 -2.36 28.65
C3' GDP F . -11.37 -2.52 30.69
O3' GDP F . -10.57 -2.44 31.88
C2' GDP F . -11.54 -1.12 30.12
O2' GDP F . -11.45 -0.10 31.11
C1' GDP F . -10.39 -1.02 29.13
N9 GDP F . -10.69 -0.08 28.03
C8 GDP F . -11.68 -0.17 27.09
N7 GDP F . -11.64 0.88 26.23
C5 GDP F . -10.60 1.67 26.59
C6 GDP F . -9.98 2.93 26.13
O6 GDP F . -10.41 3.56 25.14
N1 GDP F . -8.93 3.40 26.80
C2 GDP F . -8.40 2.77 27.87
N2 GDP F . -7.34 3.32 28.49
N3 GDP F . -8.92 1.61 28.36
C4 GDP F . -9.99 1.03 27.77
S SO4 G . 4.31 -7.09 4.27
O1 SO4 G . 3.75 -8.32 3.75
O2 SO4 G . 3.65 -5.90 3.71
O3 SO4 G . 5.73 -7.08 3.95
O4 SO4 G . 4.17 -7.03 5.72
#